data_7BJO
#
_entry.id   7BJO
#
_cell.length_a   45.220
_cell.length_b   66.190
_cell.length_c   54.460
_cell.angle_alpha   90.000
_cell.angle_beta   101.420
_cell.angle_gamma   90.000
#
_symmetry.space_group_name_H-M   'P 1 21 1'
#
loop_
_entity.id
_entity.type
_entity.pdbx_description
1 polymer 'Serine/threonine-protein kinase Chk1'
2 non-polymer 4-amino-6-(2,3-difluorophenyl)-7-methyl-7H-pyrrolo[2,3-d]pyrimidine-5-carbonitrile
3 water water
#
_entity_poly.entity_id   1
_entity_poly.type   'polypeptide(L)'
_entity_poly.pdbx_seq_one_letter_code
;MAVPFVEDWDLVQTLGEGAYGEVQLAVNRVTEEAVAVKIVDMKRAVDCPENIKKEICILKMLNHENVIKFYGHRREGNIQ
YLFMELASGGSLFDRIEPDIGMPEPDAQRFFHQLMAGVVYLHGIGITHRDIKPHNLLLDERDNLKIADYSLATVFRYNNR
ERLLNKMCGTLPYVAPELLKRREFHAEPVDVWSCGIVLTAMLAGELPWDQPSDSCQEYSDWKEKKTYLNPWKKIDSAPLA
LLHKILVENPSARITIPDIKKDRWYNKPLKKGAKRPRVTSGGVSESPSGHHHHHHHH
;
_entity_poly.pdbx_strand_id   A
#
loop_
_chem_comp.id
_chem_comp.type
_chem_comp.name
_chem_comp.formula
TWK non-polymer 4-amino-6-(2,3-difluorophenyl)-7-methyl-7H-pyrrolo[2,3-d]pyrimidine-5-carbonitrile 'C14 H9 F2 N5'
#
# COMPACT_ATOMS: atom_id res chain seq x y z
N PHE A 5 9.53 -5.93 30.43
CA PHE A 5 8.87 -5.14 29.33
C PHE A 5 7.34 -5.34 29.39
N VAL A 6 6.59 -4.35 28.90
CA VAL A 6 5.10 -4.15 29.02
C VAL A 6 4.33 -5.48 29.15
N GLU A 7 3.55 -5.57 30.25
CA GLU A 7 2.68 -6.72 30.61
C GLU A 7 3.51 -8.01 30.51
N ASP A 8 2.99 -9.07 29.88
CA ASP A 8 3.68 -10.37 29.79
C ASP A 8 4.64 -10.39 28.59
N TRP A 9 4.66 -9.34 27.78
CA TRP A 9 5.38 -9.33 26.49
C TRP A 9 6.81 -8.84 26.69
N ASP A 10 7.78 -9.55 26.13
CA ASP A 10 9.21 -9.17 26.05
C ASP A 10 9.45 -8.57 24.66
N LEU A 11 10.12 -7.42 24.57
CA LEU A 11 10.50 -6.82 23.25
C LEU A 11 11.85 -7.38 22.81
N VAL A 12 11.86 -8.42 21.97
CA VAL A 12 13.07 -9.28 21.73
C VAL A 12 13.77 -8.98 20.39
N GLN A 13 13.20 -8.18 19.47
CA GLN A 13 13.85 -7.85 18.17
C GLN A 13 13.19 -6.64 17.51
N THR A 14 13.96 -5.85 16.76
CA THR A 14 13.45 -4.69 15.98
C THR A 14 13.17 -5.13 14.54
N LEU A 15 12.12 -4.60 13.93
CA LEU A 15 11.68 -4.99 12.57
C LEU A 15 11.67 -3.76 11.64
N GLY A 16 11.42 -2.58 12.19
CA GLY A 16 11.48 -1.29 11.48
C GLY A 16 11.45 -0.11 12.44
N GLU A 17 11.78 1.08 11.94
CA GLU A 17 12.05 2.30 12.75
C GLU A 17 11.72 3.54 11.92
N GLY A 18 12.53 4.60 12.05
CA GLY A 18 12.31 5.91 11.42
C GLY A 18 10.88 6.35 11.58
N ALA A 19 10.11 6.41 10.48
CA ALA A 19 8.64 6.61 10.44
C ALA A 19 8.23 7.64 11.51
N TYR A 20 7.37 7.26 12.46
CA TYR A 20 6.99 8.05 13.67
C TYR A 20 7.70 7.48 14.91
N GLY A 21 7.82 6.14 14.98
CA GLY A 21 8.52 5.39 16.05
C GLY A 21 8.94 4.00 15.58
N GLU A 22 9.35 3.12 16.49
CA GLU A 22 9.90 1.78 16.12
C GLU A 22 8.84 0.68 16.23
N VAL A 23 9.09 -0.43 15.52
CA VAL A 23 8.26 -1.66 15.52
C VAL A 23 9.11 -2.80 16.11
N GLN A 24 8.63 -3.45 17.17
CA GLN A 24 9.35 -4.57 17.85
C GLN A 24 8.56 -5.87 17.71
N LEU A 25 9.29 -6.99 17.76
CA LEU A 25 8.71 -8.34 17.90
C LEU A 25 8.43 -8.54 19.40
N ALA A 26 7.21 -8.96 19.78
CA ALA A 26 6.84 -9.19 21.18
C ALA A 26 6.51 -10.68 21.40
N VAL A 27 7.46 -11.43 21.96
CA VAL A 27 7.25 -12.86 22.34
C VAL A 27 6.73 -12.87 23.78
N ASN A 28 5.60 -13.53 23.98
CA ASN A 28 4.90 -13.62 25.30
C ASN A 28 5.53 -14.77 26.11
N ARG A 29 6.41 -14.45 27.07
CA ARG A 29 7.20 -15.39 27.93
C ARG A 29 6.33 -16.58 28.38
N VAL A 30 5.06 -16.33 28.72
CA VAL A 30 4.02 -17.34 29.07
C VAL A 30 3.69 -18.24 27.85
N THR A 31 3.07 -17.66 26.81
CA THR A 31 2.35 -18.41 25.73
C THR A 31 3.24 -18.63 24.51
N GLU A 32 4.29 -17.81 24.34
CA GLU A 32 5.26 -17.83 23.21
C GLU A 32 4.61 -17.25 21.94
N GLU A 33 3.32 -16.87 21.99
CA GLU A 33 2.64 -16.10 20.91
C GLU A 33 3.53 -14.90 20.54
N ALA A 34 3.82 -14.73 19.25
CA ALA A 34 4.65 -13.62 18.76
C ALA A 34 3.74 -12.58 18.08
N VAL A 35 3.89 -11.31 18.45
CA VAL A 35 3.16 -10.18 17.80
C VAL A 35 4.15 -9.06 17.48
N ALA A 36 3.65 -8.00 16.86
CA ALA A 36 4.40 -6.77 16.57
C ALA A 36 3.87 -5.65 17.47
N VAL A 37 4.78 -4.79 17.93
CA VAL A 37 4.45 -3.61 18.78
C VAL A 37 5.04 -2.37 18.13
N LYS A 38 4.21 -1.35 17.90
CA LYS A 38 4.67 -0.01 17.42
C LYS A 38 4.85 0.90 18.64
N ILE A 39 6.07 1.43 18.83
CA ILE A 39 6.43 2.25 20.03
C ILE A 39 6.38 3.76 19.67
N VAL A 40 5.26 4.40 19.98
CA VAL A 40 5.05 5.87 19.76
C VAL A 40 4.76 6.51 21.12
N ASN A 51 -4.91 12.59 16.73
CA ASN A 51 -3.75 12.21 15.88
C ASN A 51 -3.48 10.71 16.08
N ILE A 52 -2.79 10.33 17.16
CA ILE A 52 -2.63 8.90 17.53
C ILE A 52 -4.02 8.38 17.92
N LYS A 53 -4.85 9.24 18.54
CA LYS A 53 -6.26 8.96 18.88
C LYS A 53 -7.03 8.51 17.63
N LYS A 54 -6.86 9.25 16.53
CA LYS A 54 -7.56 8.98 15.25
C LYS A 54 -7.02 7.68 14.65
N GLU A 55 -5.70 7.50 14.65
CA GLU A 55 -5.05 6.29 14.12
C GLU A 55 -5.63 5.06 14.82
N ILE A 56 -5.61 5.04 16.16
CA ILE A 56 -6.12 3.92 17.01
C ILE A 56 -7.55 3.59 16.59
N CYS A 57 -8.38 4.61 16.47
CA CYS A 57 -9.84 4.50 16.17
C CYS A 57 -10.04 3.83 14.80
N ILE A 58 -9.22 4.17 13.80
CA ILE A 58 -9.25 3.53 12.46
C ILE A 58 -8.74 2.08 12.62
N LEU A 59 -7.67 1.88 13.38
CA LEU A 59 -7.08 0.52 13.56
C LEU A 59 -8.12 -0.46 14.13
N LYS A 60 -9.00 -0.02 15.04
CA LYS A 60 -10.05 -0.89 15.67
C LYS A 60 -11.15 -1.27 14.67
N MET A 61 -11.33 -0.52 13.58
CA MET A 61 -12.31 -0.85 12.50
C MET A 61 -11.82 -2.03 11.64
N LEU A 62 -10.51 -2.33 11.61
CA LEU A 62 -9.90 -3.18 10.55
C LEU A 62 -10.07 -4.67 10.84
N ASN A 63 -10.83 -5.37 10.00
CA ASN A 63 -11.00 -6.84 10.11
C ASN A 63 -11.08 -7.48 8.70
N HIS A 64 -9.91 -7.82 8.14
CA HIS A 64 -9.79 -8.43 6.79
C HIS A 64 -8.45 -9.17 6.70
N GLU A 65 -8.38 -10.25 5.91
CA GLU A 65 -7.17 -11.12 5.78
C GLU A 65 -6.03 -10.36 5.08
N ASN A 66 -6.29 -9.28 4.33
CA ASN A 66 -5.21 -8.49 3.63
C ASN A 66 -4.93 -7.15 4.30
N VAL A 67 -5.35 -6.97 5.56
CA VAL A 67 -5.09 -5.75 6.38
C VAL A 67 -4.48 -6.23 7.70
N ILE A 68 -3.46 -5.54 8.21
CA ILE A 68 -2.80 -5.86 9.51
C ILE A 68 -3.79 -5.64 10.66
N LYS A 69 -4.17 -6.72 11.35
CA LYS A 69 -5.09 -6.76 12.54
C LYS A 69 -4.51 -5.96 13.71
N PHE A 70 -5.36 -5.19 14.38
CA PHE A 70 -5.05 -4.44 15.63
C PHE A 70 -5.48 -5.27 16.84
N TYR A 71 -4.58 -5.50 17.80
CA TYR A 71 -4.83 -6.34 19.00
C TYR A 71 -5.17 -5.47 20.21
N GLY A 72 -4.57 -4.29 20.34
CA GLY A 72 -4.83 -3.39 21.47
C GLY A 72 -3.70 -2.41 21.71
N HIS A 73 -3.94 -1.40 22.55
CA HIS A 73 -2.96 -0.38 22.97
C HIS A 73 -2.89 -0.30 24.49
N ARG A 74 -1.69 -0.01 25.02
CA ARG A 74 -1.43 0.32 26.44
C ARG A 74 -0.52 1.56 26.48
N ARG A 75 -1.01 2.66 27.05
CA ARG A 75 -0.18 3.88 27.30
C ARG A 75 0.63 3.62 28.56
N GLU A 76 1.85 4.16 28.64
CA GLU A 76 2.70 4.08 29.85
C GLU A 76 3.52 5.36 29.99
N GLY A 77 2.89 6.41 30.54
CA GLY A 77 3.47 7.76 30.68
C GLY A 77 3.55 8.46 29.34
N ASN A 78 4.76 8.62 28.78
CA ASN A 78 4.99 9.23 27.44
C ASN A 78 4.51 8.26 26.35
N ILE A 79 5.02 7.01 26.39
CA ILE A 79 5.04 6.03 25.25
C ILE A 79 3.71 5.27 25.19
N GLN A 80 3.06 5.30 24.01
CA GLN A 80 1.91 4.42 23.63
C GLN A 80 2.50 3.15 23.02
N TYR A 81 1.78 2.04 23.07
CA TYR A 81 2.20 0.74 22.51
C TYR A 81 1.05 0.16 21.66
N LEU A 82 1.23 0.04 20.34
CA LEU A 82 0.15 -0.51 19.47
C LEU A 82 0.49 -1.95 19.13
N PHE A 83 -0.36 -2.87 19.58
CA PHE A 83 -0.17 -4.33 19.37
C PHE A 83 -0.97 -4.74 18.13
N MET A 84 -0.25 -5.27 17.12
CA MET A 84 -0.86 -5.70 15.84
C MET A 84 -0.33 -7.07 15.43
N GLU A 85 -1.02 -7.68 14.49
CA GLU A 85 -0.64 -8.94 13.84
C GLU A 85 0.80 -8.80 13.33
N LEU A 86 1.64 -9.79 13.59
CA LEU A 86 3.03 -9.86 13.10
C LEU A 86 3.01 -10.43 11.67
N ALA A 87 3.87 -9.88 10.81
CA ALA A 87 4.09 -10.37 9.44
C ALA A 87 5.53 -10.87 9.39
N SER A 88 5.73 -12.19 9.49
CA SER A 88 7.06 -12.82 9.70
C SER A 88 7.80 -12.93 8.36
N GLY A 89 7.10 -12.71 7.24
CA GLY A 89 7.66 -12.74 5.87
C GLY A 89 8.35 -11.44 5.46
N GLY A 90 8.31 -10.38 6.27
CA GLY A 90 8.94 -9.09 5.91
C GLY A 90 8.08 -8.35 4.88
N SER A 91 8.67 -7.53 4.02
CA SER A 91 7.89 -6.65 3.13
C SER A 91 8.02 -7.11 1.69
N LEU A 92 7.09 -6.62 0.85
CA LEU A 92 7.13 -6.82 -0.61
C LEU A 92 8.36 -6.13 -1.19
N PHE A 93 8.83 -5.05 -0.57
CA PHE A 93 10.03 -4.32 -1.02
C PHE A 93 11.20 -5.31 -1.12
N ASP A 94 11.35 -6.24 -0.16
CA ASP A 94 12.49 -7.20 -0.12
C ASP A 94 12.29 -8.32 -1.15
N ARG A 95 11.12 -8.44 -1.78
CA ARG A 95 10.86 -9.48 -2.81
C ARG A 95 11.06 -8.88 -4.20
N ILE A 96 11.38 -7.59 -4.30
CA ILE A 96 11.50 -6.95 -5.64
C ILE A 96 13.00 -6.87 -5.92
N GLU A 97 13.46 -7.54 -6.96
CA GLU A 97 14.90 -7.50 -7.31
C GLU A 97 15.13 -6.27 -8.20
N PRO A 98 16.06 -5.37 -7.84
CA PRO A 98 16.33 -4.17 -8.62
C PRO A 98 16.68 -4.49 -10.06
N ASP A 99 16.05 -3.75 -10.96
CA ASP A 99 16.16 -3.83 -12.44
C ASP A 99 15.48 -5.07 -13.01
N ILE A 100 14.96 -5.97 -12.19
CA ILE A 100 14.34 -7.24 -12.67
C ILE A 100 12.85 -7.27 -12.25
N GLY A 101 12.61 -7.18 -10.96
CA GLY A 101 11.27 -7.20 -10.36
C GLY A 101 11.02 -8.57 -9.73
N MET A 102 10.04 -9.31 -10.25
CA MET A 102 9.76 -10.66 -9.77
C MET A 102 8.99 -11.39 -10.87
N PRO A 103 8.85 -12.73 -10.74
CA PRO A 103 8.12 -13.51 -11.71
C PRO A 103 6.66 -13.01 -11.80
N GLU A 104 6.18 -12.89 -13.02
CA GLU A 104 4.85 -12.31 -13.33
C GLU A 104 3.78 -12.97 -12.48
N PRO A 105 3.76 -14.33 -12.30
CA PRO A 105 2.72 -14.99 -11.51
C PRO A 105 2.70 -14.56 -10.04
N ASP A 106 3.85 -14.37 -9.41
CA ASP A 106 3.91 -13.85 -8.02
C ASP A 106 3.37 -12.41 -8.01
N ALA A 107 3.73 -11.59 -9.01
CA ALA A 107 3.25 -10.19 -9.09
C ALA A 107 1.72 -10.20 -9.21
N GLN A 108 1.12 -11.14 -9.95
CA GLN A 108 -0.34 -11.16 -10.15
C GLN A 108 -1.06 -11.53 -8.85
N ARG A 109 -0.57 -12.54 -8.16
CA ARG A 109 -1.13 -12.98 -6.85
C ARG A 109 -1.06 -11.84 -5.84
N PHE A 110 0.10 -11.15 -5.72
CA PHE A 110 0.26 -10.04 -4.77
C PHE A 110 -0.71 -8.92 -5.15
N PHE A 111 -0.85 -8.61 -6.46
CA PHE A 111 -1.80 -7.59 -6.96
C PHE A 111 -3.27 -7.97 -6.59
N HIS A 112 -3.71 -9.22 -6.78
CA HIS A 112 -5.05 -9.74 -6.34
C HIS A 112 -5.25 -9.49 -4.85
N GLN A 113 -4.26 -9.82 -4.03
CA GLN A 113 -4.34 -9.62 -2.56
C GLN A 113 -4.36 -8.13 -2.24
N LEU A 114 -3.63 -7.30 -2.99
CA LEU A 114 -3.57 -5.85 -2.73
C LEU A 114 -4.92 -5.22 -3.06
N MET A 115 -5.55 -5.63 -4.15
CA MET A 115 -6.90 -5.12 -4.51
C MET A 115 -7.95 -5.57 -3.47
N ALA A 116 -7.91 -6.83 -3.04
CA ALA A 116 -8.83 -7.33 -1.99
C ALA A 116 -8.71 -6.40 -0.78
N GLY A 117 -7.50 -6.06 -0.38
CA GLY A 117 -7.28 -5.21 0.81
C GLY A 117 -7.78 -3.79 0.58
N VAL A 118 -7.51 -3.24 -0.61
CA VAL A 118 -7.88 -1.84 -0.92
C VAL A 118 -9.41 -1.76 -1.03
N VAL A 119 -10.11 -2.72 -1.65
CA VAL A 119 -11.61 -2.77 -1.78
C VAL A 119 -12.21 -2.77 -0.36
N TYR A 120 -11.68 -3.57 0.56
CA TYR A 120 -12.11 -3.59 1.97
C TYR A 120 -12.02 -2.20 2.60
N LEU A 121 -10.83 -1.57 2.54
CA LEU A 121 -10.63 -0.25 3.18
C LEU A 121 -11.65 0.71 2.58
N HIS A 122 -11.75 0.76 1.24
CA HIS A 122 -12.65 1.74 0.60
C HIS A 122 -14.09 1.44 1.02
N GLY A 123 -14.42 0.17 1.24
CA GLY A 123 -15.77 -0.26 1.59
C GLY A 123 -16.18 0.24 2.97
N ILE A 124 -15.22 0.37 3.90
CA ILE A 124 -15.49 0.93 5.24
C ILE A 124 -15.21 2.44 5.22
N GLY A 125 -14.99 3.03 4.04
CA GLY A 125 -14.83 4.48 3.83
C GLY A 125 -13.51 5.03 4.37
N ILE A 126 -12.48 4.19 4.42
CA ILE A 126 -11.06 4.46 4.78
C ILE A 126 -10.14 4.51 3.52
N THR A 127 -9.31 5.56 3.41
CA THR A 127 -8.21 5.65 2.42
C THR A 127 -6.86 5.56 3.18
N HIS A 128 -5.90 4.80 2.63
CA HIS A 128 -4.60 4.49 3.28
C HIS A 128 -3.63 5.66 3.09
N ARG A 129 -3.53 6.14 1.86
CA ARG A 129 -2.85 7.37 1.41
C ARG A 129 -1.33 7.16 1.26
N ASP A 130 -0.79 5.98 1.50
CA ASP A 130 0.68 5.79 1.34
C ASP A 130 0.93 4.35 0.90
N ILE A 131 0.17 3.84 -0.05
CA ILE A 131 0.44 2.47 -0.57
C ILE A 131 1.81 2.48 -1.27
N LYS A 132 2.72 1.62 -0.81
CA LYS A 132 4.01 1.34 -1.47
C LYS A 132 4.60 0.07 -0.88
N PRO A 133 5.63 -0.54 -1.50
CA PRO A 133 6.11 -1.86 -1.07
C PRO A 133 6.60 -2.00 0.38
N HIS A 134 7.20 -0.95 0.95
CA HIS A 134 7.57 -0.85 2.38
C HIS A 134 6.37 -1.03 3.29
N ASN A 135 5.16 -0.63 2.88
CA ASN A 135 3.92 -0.70 3.69
C ASN A 135 3.11 -1.96 3.35
N LEU A 136 3.61 -2.86 2.51
CA LEU A 136 2.89 -4.10 2.13
C LEU A 136 3.69 -5.30 2.66
N LEU A 137 3.20 -5.94 3.71
CA LEU A 137 3.96 -6.97 4.45
C LEU A 137 3.46 -8.39 4.13
N LEU A 138 4.31 -9.39 4.36
CA LEU A 138 3.94 -10.81 4.08
C LEU A 138 3.89 -11.61 5.39
N ASP A 139 2.85 -12.43 5.56
CA ASP A 139 2.74 -13.46 6.64
C ASP A 139 3.63 -14.66 6.26
N GLU A 140 3.56 -15.79 6.96
CA GLU A 140 4.55 -16.87 6.71
C GLU A 140 4.13 -17.70 5.49
N ARG A 141 2.89 -17.55 4.99
CA ARG A 141 2.44 -18.19 3.72
C ARG A 141 2.48 -17.19 2.55
N ASP A 142 3.23 -16.08 2.68
CA ASP A 142 3.40 -15.04 1.63
C ASP A 142 2.06 -14.37 1.32
N ASN A 143 1.20 -14.21 2.31
CA ASN A 143 -0.05 -13.43 2.16
C ASN A 143 0.27 -11.95 2.45
N LEU A 144 -0.19 -11.08 1.57
CA LEU A 144 0.08 -9.62 1.63
C LEU A 144 -0.88 -8.97 2.63
N LYS A 145 -0.35 -8.05 3.43
CA LYS A 145 -1.16 -7.27 4.39
C LYS A 145 -0.78 -5.79 4.30
N ILE A 146 -1.78 -4.94 4.12
CA ILE A 146 -1.56 -3.46 4.10
C ILE A 146 -1.32 -3.02 5.57
N ALA A 147 -0.17 -2.39 5.81
CA ALA A 147 0.30 -1.95 7.14
C ALA A 147 0.49 -0.43 7.16
N ASP A 148 0.48 0.14 8.37
CA ASP A 148 0.83 1.56 8.65
C ASP A 148 -0.36 2.45 8.31
N TYR A 149 -1.19 2.75 9.32
CA TYR A 149 -2.43 3.54 9.17
C TYR A 149 -2.22 4.95 9.72
N SER A 150 -0.96 5.38 9.83
CA SER A 150 -0.61 6.71 10.39
C SER A 150 -1.05 7.83 9.46
N LEU A 151 -1.25 7.60 8.15
CA LEU A 151 -1.73 8.65 7.22
C LEU A 151 -3.18 8.36 6.82
N ALA A 152 -3.78 7.27 7.32
CA ALA A 152 -5.11 6.86 6.85
C ALA A 152 -6.18 7.87 7.29
N THR A 153 -7.27 8.03 6.52
CA THR A 153 -8.33 8.98 6.93
C THR A 153 -9.67 8.49 6.39
N VAL A 154 -10.75 8.98 7.00
CA VAL A 154 -12.15 8.69 6.60
C VAL A 154 -12.42 9.54 5.38
N PHE A 155 -12.89 8.97 4.28
CA PHE A 155 -13.32 9.75 3.12
C PHE A 155 -14.81 9.51 2.92
N ARG A 156 -15.44 8.56 3.61
CA ARG A 156 -16.90 8.37 3.46
C ARG A 156 -17.50 8.13 4.84
N TYR A 157 -18.55 8.87 5.19
CA TYR A 157 -19.21 8.77 6.52
C TYR A 157 -20.71 9.03 6.33
N ASN A 158 -21.54 8.17 6.93
CA ASN A 158 -23.00 8.22 6.72
C ASN A 158 -23.29 8.27 5.21
N ASN A 159 -22.56 7.50 4.42
CA ASN A 159 -22.73 7.39 2.94
C ASN A 159 -22.52 8.74 2.22
N ARG A 160 -21.85 9.71 2.83
CA ARG A 160 -21.43 10.95 2.12
C ARG A 160 -19.90 10.95 1.96
N GLU A 161 -19.45 11.17 0.74
CA GLU A 161 -18.01 11.25 0.42
C GLU A 161 -17.56 12.65 0.81
N ARG A 162 -16.38 12.78 1.38
CA ARG A 162 -15.69 14.10 1.46
C ARG A 162 -14.39 14.03 0.67
N LEU A 163 -14.14 15.06 -0.13
CA LEU A 163 -12.87 15.26 -0.85
C LEU A 163 -11.77 15.51 0.17
N LEU A 164 -10.55 15.14 -0.18
CA LEU A 164 -9.35 15.35 0.66
C LEU A 164 -8.69 16.65 0.20
N ASN A 165 -7.90 17.28 1.06
CA ASN A 165 -7.12 18.49 0.67
C ASN A 165 -5.67 18.39 1.16
N LYS A 166 -5.36 17.57 2.15
CA LYS A 166 -3.96 17.41 2.61
C LYS A 166 -3.16 16.67 1.53
N MET A 167 -2.00 17.22 1.20
CA MET A 167 -0.99 16.56 0.36
C MET A 167 -0.20 15.64 1.29
N CYS A 168 -0.21 14.33 1.02
CA CYS A 168 0.62 13.36 1.76
C CYS A 168 0.83 12.09 0.93
N GLY A 169 1.68 11.19 1.41
CA GLY A 169 2.22 10.04 0.68
C GLY A 169 3.70 10.19 0.36
N THR A 170 4.16 9.55 -0.72
CA THR A 170 5.58 9.41 -1.14
C THR A 170 5.63 9.76 -2.63
N LEU A 171 6.44 10.75 -3.03
CA LEU A 171 6.26 11.43 -4.35
C LEU A 171 6.18 10.43 -5.51
N PRO A 172 7.02 9.37 -5.57
CA PRO A 172 7.02 8.48 -6.73
C PRO A 172 5.72 7.65 -6.88
N TYR A 173 4.95 7.55 -5.78
CA TYR A 173 3.68 6.80 -5.67
C TYR A 173 2.45 7.72 -5.73
N VAL A 174 2.59 9.06 -5.63
CA VAL A 174 1.41 9.98 -5.54
C VAL A 174 0.81 10.22 -6.91
N ALA A 175 -0.50 10.35 -6.94
CA ALA A 175 -1.26 10.64 -8.17
C ALA A 175 -1.01 12.09 -8.55
N PRO A 176 -1.03 12.43 -9.86
CA PRO A 176 -0.78 13.80 -10.30
C PRO A 176 -1.79 14.86 -9.80
N GLU A 177 -3.07 14.51 -9.56
CA GLU A 177 -4.09 15.48 -9.11
C GLU A 177 -3.72 16.02 -7.72
N LEU A 178 -2.98 15.26 -6.93
CA LEU A 178 -2.66 15.66 -5.54
C LEU A 178 -1.58 16.76 -5.58
N LEU A 179 -0.77 16.81 -6.63
CA LEU A 179 0.13 17.98 -6.83
C LEU A 179 -0.60 19.18 -7.49
N LYS A 180 -1.78 19.03 -8.06
CA LYS A 180 -2.33 20.09 -8.96
C LYS A 180 -3.66 20.65 -8.48
N ARG A 181 -4.41 19.96 -7.63
CA ARG A 181 -5.79 20.37 -7.31
C ARG A 181 -5.83 20.75 -5.85
N ARG A 182 -6.74 21.67 -5.50
CA ARG A 182 -7.03 22.08 -4.11
C ARG A 182 -7.62 20.88 -3.39
N GLU A 183 -8.50 20.14 -4.06
CA GLU A 183 -9.29 19.05 -3.44
C GLU A 183 -9.46 17.96 -4.49
N PHE A 184 -9.58 16.72 -4.06
CA PHE A 184 -9.59 15.56 -4.98
C PHE A 184 -10.17 14.36 -4.24
N HIS A 185 -10.72 13.43 -5.01
CA HIS A 185 -11.33 12.17 -4.56
C HIS A 185 -10.24 11.23 -4.03
N ALA A 186 -10.52 10.54 -2.93
CA ALA A 186 -9.57 9.64 -2.23
C ALA A 186 -9.27 8.37 -3.07
N GLU A 187 -10.29 7.74 -3.61
CA GLU A 187 -10.19 6.39 -4.20
C GLU A 187 -9.21 6.38 -5.38
N PRO A 188 -9.34 7.24 -6.42
CA PRO A 188 -8.39 7.20 -7.54
C PRO A 188 -6.92 7.42 -7.11
N VAL A 189 -6.67 8.07 -5.97
CA VAL A 189 -5.29 8.30 -5.47
C VAL A 189 -4.74 6.94 -5.07
N ASP A 190 -5.50 6.13 -4.32
CA ASP A 190 -5.02 4.78 -3.88
C ASP A 190 -4.88 3.84 -5.09
N VAL A 191 -5.73 3.98 -6.10
CA VAL A 191 -5.67 3.15 -7.33
C VAL A 191 -4.34 3.43 -8.07
N TRP A 192 -4.02 4.69 -8.27
CA TRP A 192 -2.75 5.14 -8.90
C TRP A 192 -1.56 4.48 -8.18
N SER A 193 -1.44 4.58 -6.86
CA SER A 193 -0.27 4.05 -6.12
C SER A 193 -0.17 2.51 -6.27
N CYS A 194 -1.29 1.80 -6.31
CA CYS A 194 -1.33 0.36 -6.69
C CYS A 194 -0.74 0.13 -8.10
N GLY A 195 -0.96 1.04 -9.05
CA GLY A 195 -0.37 1.00 -10.40
C GLY A 195 1.16 1.16 -10.35
N ILE A 196 1.68 2.08 -9.53
CA ILE A 196 3.14 2.23 -9.36
C ILE A 196 3.69 0.94 -8.71
N VAL A 197 2.98 0.38 -7.73
CA VAL A 197 3.42 -0.88 -7.06
C VAL A 197 3.50 -1.98 -8.13
N LEU A 198 2.53 -2.05 -9.04
CA LEU A 198 2.49 -3.12 -10.08
C LEU A 198 3.69 -2.93 -11.00
N THR A 199 4.03 -1.68 -11.32
CA THR A 199 5.21 -1.34 -12.16
C THR A 199 6.50 -1.82 -11.50
N ALA A 200 6.69 -1.55 -10.20
CA ALA A 200 7.88 -1.94 -9.41
C ALA A 200 8.04 -3.47 -9.39
N MET A 201 6.96 -4.22 -9.10
CA MET A 201 6.94 -5.71 -9.10
C MET A 201 7.36 -6.25 -10.47
N LEU A 202 6.96 -5.63 -11.59
CA LEU A 202 7.21 -6.21 -12.92
C LEU A 202 8.50 -5.68 -13.54
N ALA A 203 9.16 -4.66 -12.96
CA ALA A 203 10.33 -4.04 -13.62
C ALA A 203 11.45 -3.73 -12.63
N GLY A 204 11.20 -3.81 -11.33
CA GLY A 204 12.26 -3.58 -10.33
C GLY A 204 12.79 -2.14 -10.39
N GLU A 205 11.97 -1.20 -10.86
CA GLU A 205 12.32 0.23 -10.93
C GLU A 205 11.03 1.06 -10.99
N LEU A 206 11.09 2.27 -10.46
CA LEU A 206 9.98 3.24 -10.39
C LEU A 206 10.05 4.09 -11.66
N PRO A 207 8.92 4.41 -12.32
CA PRO A 207 9.00 5.10 -13.60
C PRO A 207 9.39 6.58 -13.52
N TRP A 208 9.18 7.25 -12.39
CA TRP A 208 9.46 8.71 -12.28
C TRP A 208 9.61 9.12 -10.82
N ASP A 209 10.32 10.22 -10.61
CA ASP A 209 10.49 10.92 -9.29
C ASP A 209 9.14 11.43 -8.77
N GLN A 210 8.30 11.91 -9.67
CA GLN A 210 6.97 12.46 -9.36
C GLN A 210 6.21 12.70 -10.66
N PRO A 211 4.87 12.62 -10.66
CA PRO A 211 4.08 12.78 -11.88
C PRO A 211 3.76 14.24 -12.22
N SER A 212 4.81 15.07 -12.29
CA SER A 212 4.70 16.51 -12.63
C SER A 212 5.09 16.70 -14.11
N ASP A 213 4.56 17.74 -14.74
CA ASP A 213 4.78 18.01 -16.20
C ASP A 213 6.26 18.39 -16.42
N SER A 214 6.99 18.79 -15.38
CA SER A 214 8.44 19.12 -15.39
C SER A 214 9.29 17.86 -15.15
N CYS A 215 8.66 16.68 -15.09
CA CYS A 215 9.34 15.38 -14.96
C CYS A 215 9.34 14.67 -16.32
N GLN A 216 10.55 14.51 -16.88
CA GLN A 216 10.75 14.10 -18.29
C GLN A 216 10.13 12.71 -18.49
N GLU A 217 10.37 11.82 -17.53
CA GLU A 217 9.90 10.40 -17.57
C GLU A 217 8.37 10.40 -17.59
N TYR A 218 7.73 11.28 -16.81
CA TYR A 218 6.26 11.37 -16.78
C TYR A 218 5.76 11.85 -18.15
N SER A 219 6.39 12.89 -18.74
CA SER A 219 6.02 13.40 -20.10
C SER A 219 6.18 12.30 -21.13
N ASP A 220 7.28 11.56 -21.04
CA ASP A 220 7.56 10.40 -21.93
C ASP A 220 6.41 9.37 -21.88
N TRP A 221 5.89 9.09 -20.67
CA TRP A 221 4.75 8.15 -20.52
C TRP A 221 3.45 8.77 -21.08
N LYS A 222 3.17 10.04 -20.85
CA LYS A 222 1.94 10.66 -21.41
C LYS A 222 2.00 10.64 -22.95
N GLU A 223 3.20 10.78 -23.51
CA GLU A 223 3.47 10.68 -24.97
C GLU A 223 3.48 9.23 -25.43
N LYS A 224 3.34 8.25 -24.53
CA LYS A 224 3.24 6.79 -24.84
C LYS A 224 4.56 6.24 -25.42
N LYS A 225 5.69 6.69 -24.90
CA LYS A 225 7.01 6.16 -25.37
C LYS A 225 7.37 4.86 -24.60
N THR A 226 6.71 3.74 -24.89
CA THR A 226 6.84 2.52 -24.03
C THR A 226 7.97 1.61 -24.53
N TYR A 227 8.85 2.14 -25.38
CA TYR A 227 10.10 1.47 -25.85
C TYR A 227 11.22 1.86 -24.90
N LEU A 228 10.96 2.83 -24.02
CA LEU A 228 11.87 3.17 -22.89
C LEU A 228 11.55 2.27 -21.68
N ASN A 229 12.49 2.21 -20.74
CA ASN A 229 12.34 1.55 -19.43
C ASN A 229 11.46 2.46 -18.57
N PRO A 230 10.64 1.94 -17.64
CA PRO A 230 10.59 0.51 -17.32
C PRO A 230 9.64 -0.30 -18.19
N TRP A 231 8.94 0.37 -19.10
CA TRP A 231 7.75 -0.17 -19.80
C TRP A 231 8.19 -1.30 -20.75
N LYS A 232 9.41 -1.25 -21.29
CA LYS A 232 9.87 -2.27 -22.28
C LYS A 232 10.16 -3.61 -21.57
N LYS A 233 10.37 -3.64 -20.25
CA LYS A 233 10.53 -4.93 -19.50
C LYS A 233 9.17 -5.61 -19.25
N ILE A 234 8.05 -4.98 -19.60
CA ILE A 234 6.72 -5.43 -19.10
C ILE A 234 5.94 -6.03 -20.27
N ASP A 235 5.40 -7.23 -20.09
CA ASP A 235 4.61 -7.89 -21.15
C ASP A 235 3.41 -7.00 -21.50
N SER A 236 2.90 -7.15 -22.74
CA SER A 236 1.77 -6.36 -23.31
C SER A 236 0.50 -6.46 -22.46
N ALA A 237 0.15 -7.62 -21.92
CA ALA A 237 -1.10 -7.78 -21.13
C ALA A 237 -1.04 -6.89 -19.87
N PRO A 238 -0.09 -7.07 -18.93
CA PRO A 238 -0.04 -6.21 -17.74
C PRO A 238 0.18 -4.73 -18.07
N LEU A 239 0.94 -4.44 -19.13
CA LEU A 239 1.16 -3.04 -19.60
C LEU A 239 -0.15 -2.40 -20.08
N ALA A 240 -1.07 -3.13 -20.72
CA ALA A 240 -2.41 -2.60 -21.09
C ALA A 240 -3.20 -2.22 -19.81
N LEU A 241 -3.06 -2.97 -18.71
CA LEU A 241 -3.71 -2.60 -17.44
C LEU A 241 -3.05 -1.33 -16.87
N LEU A 242 -1.73 -1.21 -16.92
CA LEU A 242 -1.04 -0.01 -16.43
C LEU A 242 -1.44 1.20 -17.28
N HIS A 243 -1.73 1.03 -18.56
CA HIS A 243 -2.28 2.12 -19.40
C HIS A 243 -3.62 2.62 -18.85
N LYS A 244 -4.47 1.77 -18.26
CA LYS A 244 -5.78 2.23 -17.71
C LYS A 244 -5.64 2.79 -16.29
N ILE A 245 -4.59 2.41 -15.53
CA ILE A 245 -4.42 2.84 -14.11
C ILE A 245 -3.69 4.17 -14.11
N LEU A 246 -2.60 4.31 -14.88
CA LEU A 246 -1.75 5.53 -14.78
C LEU A 246 -2.27 6.55 -15.82
N VAL A 247 -3.54 6.91 -15.68
CA VAL A 247 -4.27 7.93 -16.50
C VAL A 247 -4.32 9.26 -15.72
N GLU A 248 -3.92 10.37 -16.32
CA GLU A 248 -3.71 11.63 -15.56
C GLU A 248 -5.05 12.18 -15.04
N ASN A 249 -6.13 12.03 -15.78
CA ASN A 249 -7.44 12.57 -15.35
C ASN A 249 -8.03 11.52 -14.41
N PRO A 250 -8.18 11.83 -13.10
CA PRO A 250 -8.71 10.91 -12.11
C PRO A 250 -10.13 10.40 -12.36
N SER A 251 -10.97 11.11 -13.11
CA SER A 251 -12.34 10.61 -13.38
C SER A 251 -12.38 9.73 -14.62
N ALA A 252 -11.37 9.76 -15.49
CA ALA A 252 -11.22 8.78 -16.59
C ALA A 252 -10.38 7.56 -16.13
N ARG A 253 -9.61 7.65 -15.04
CA ARG A 253 -8.78 6.51 -14.53
C ARG A 253 -9.67 5.30 -14.23
N ILE A 254 -9.15 4.08 -14.39
CA ILE A 254 -9.96 2.86 -14.19
C ILE A 254 -10.30 2.72 -12.70
N THR A 255 -11.46 2.12 -12.38
CA THR A 255 -11.90 1.88 -10.99
C THR A 255 -11.60 0.42 -10.69
N ILE A 256 -11.61 0.04 -9.42
CA ILE A 256 -11.29 -1.34 -9.00
C ILE A 256 -12.31 -2.33 -9.58
N PRO A 257 -13.66 -2.08 -9.56
CA PRO A 257 -14.60 -2.96 -10.27
C PRO A 257 -14.18 -3.29 -11.70
N ASP A 258 -13.71 -2.29 -12.44
CA ASP A 258 -13.23 -2.47 -13.83
C ASP A 258 -11.81 -3.07 -13.87
N ILE A 259 -10.98 -2.86 -12.84
CA ILE A 259 -9.65 -3.56 -12.80
C ILE A 259 -9.94 -5.07 -12.77
N LYS A 260 -10.98 -5.47 -12.06
CA LYS A 260 -11.28 -6.91 -11.80
C LYS A 260 -11.82 -7.60 -13.07
N LYS A 261 -12.10 -6.85 -14.15
CA LYS A 261 -12.59 -7.36 -15.44
C LYS A 261 -11.44 -7.40 -16.45
N ASP A 262 -10.31 -6.77 -16.14
CA ASP A 262 -9.12 -6.65 -17.01
C ASP A 262 -8.60 -8.05 -17.40
N ARG A 263 -8.12 -8.18 -18.62
CA ARG A 263 -7.71 -9.47 -19.21
C ARG A 263 -6.50 -10.03 -18.42
N TRP A 264 -5.45 -9.25 -18.17
CA TRP A 264 -4.27 -9.77 -17.43
C TRP A 264 -4.66 -10.12 -15.99
N TYR A 265 -5.48 -9.28 -15.36
CA TYR A 265 -5.99 -9.57 -14.00
C TYR A 265 -6.60 -10.98 -13.96
N ASN A 266 -7.31 -11.38 -15.01
CA ASN A 266 -8.05 -12.68 -15.07
C ASN A 266 -7.23 -13.76 -15.81
N LYS A 267 -5.95 -13.50 -16.12
CA LYS A 267 -5.09 -14.44 -16.88
C LYS A 267 -4.52 -15.53 -15.96
N PRO A 268 -4.75 -16.82 -16.27
CA PRO A 268 -4.17 -17.93 -15.49
C PRO A 268 -2.65 -17.96 -15.67
N LEU A 269 -1.91 -18.00 -14.58
CA LEU A 269 -0.43 -17.88 -14.59
C LEU A 269 0.18 -18.85 -13.58
N LYS A 270 -0.43 -19.00 -12.41
CA LYS A 270 0.31 -19.48 -11.20
C LYS A 270 -0.28 -20.80 -10.65
N LYS A 271 0.63 -21.70 -10.27
CA LYS A 271 0.37 -23.02 -9.64
C LYS A 271 0.35 -22.85 -8.12
C1 TWK B . 8.49 -3.94 9.59
N1 TWK B . 7.11 -3.96 10.08
C2 TWK B . 6.53 -5.12 10.58
N2 TWK B . 2.74 -2.26 11.05
C3 TWK B . 5.20 -4.84 10.95
N3 TWK B . 3.14 -5.69 11.83
C4 TWK B . 4.96 -3.46 10.66
N4 TWK B . 4.97 -7.11 11.55
C5 TWK B . 3.74 -2.79 10.87
N5 TWK B . 7.02 -6.36 10.71
C6 TWK B . 6.18 -2.93 10.12
C7 TWK B . 6.39 -1.55 9.63
C8 TWK B . 7.48 -0.80 10.03
C9 TWK B . 7.67 0.48 9.52
C10 TWK B . 6.80 1.01 8.59
C11 TWK B . 5.73 0.25 8.16
C12 TWK B . 5.53 -1.03 8.66
C13 TWK B . 4.41 -5.89 11.46
C14 TWK B . 6.25 -7.33 11.20
F1 TWK B . 8.34 -1.30 10.93
F2 TWK B . 8.72 1.22 9.95
#